data_6H8R
#
_entry.id   6H8R
#
_cell.length_a   53.095
_cell.length_b   64.375
_cell.length_c   100.804
_cell.angle_alpha   90.00
_cell.angle_beta   90.00
_cell.angle_gamma   90.00
#
_symmetry.space_group_name_H-M   'P 21 21 21'
#
loop_
_entity.id
_entity.type
_entity.pdbx_description
1 polymer 'Tyrosine-protein phosphatase non-receptor type 5'
2 non-polymer 'SULFATE ION'
3 non-polymer 3-[(2~{S})-2-azanylpropyl]-5-(trifluoromethyl)phenol
4 water water
#
_entity_poly.entity_id   1
_entity_poly.type   'polypeptide(L)'
_entity_poly.pdbx_seq_one_letter_code
;MHHHHHHSSGVDLGTENLYFQSMSRVLQAEELHEKALDPFLLQAEFFEIPMNFVDPKEYDIPGLVRKNRYKTILPNPHSR
VCLTSPDPDDPLSSYINANYIRGYGGEEKVYIATQGPIVSTVADFWRMVWQEHTPIIVMITNIEEMNEKCTEYWPEEQVA
YDGVEITVQKVIHTEDYRLRLISLKSGTEERGLKHYWFTSWPDQKTPDRAPPLLHLVREVEEAAQQEGPHCAPIIVHCSA
GIGRTGCFIATSICCQQLRQEGVVDILKTTCQLRQDRGGMIQTCEQYQFVHHVMSLYEKQLSHQS
;
_entity_poly.pdbx_strand_id   A
#
loop_
_chem_comp.id
_chem_comp.type
_chem_comp.name
_chem_comp.formula
FWB non-polymer 3-[(2~{S})-2-azanylpropyl]-5-(trifluoromethyl)phenol 'C10 H12 F3 N O'
SO4 non-polymer 'SULFATE ION' 'O4 S -2'
#
# COMPACT_ATOMS: atom_id res chain seq x y z
N ASN A 17 -10.76 17.71 1.33
CA ASN A 17 -10.43 18.67 2.39
C ASN A 17 -11.21 18.37 3.68
N LEU A 18 -11.49 17.09 3.96
CA LEU A 18 -12.25 16.71 5.14
C LEU A 18 -11.53 16.88 6.46
N TYR A 19 -10.24 16.48 6.55
CA TYR A 19 -9.51 16.53 7.83
C TYR A 19 -8.47 17.64 7.90
N PHE A 20 -8.06 18.15 6.73
CA PHE A 20 -7.10 19.23 6.60
C PHE A 20 -7.22 19.78 5.19
N GLN A 21 -6.73 21.01 4.98
CA GLN A 21 -6.74 21.63 3.66
C GLN A 21 -5.70 20.92 2.79
N SER A 22 -6.14 20.32 1.67
N SER A 22 -6.14 20.30 1.68
CA SER A 22 -5.27 19.62 0.72
CA SER A 22 -5.24 19.62 0.76
C SER A 22 -4.45 20.63 -0.07
C SER A 22 -4.44 20.63 -0.06
N MET A 23 -3.22 20.25 -0.45
CA MET A 23 -2.33 21.09 -1.22
C MET A 23 -2.12 20.45 -2.57
N SER A 24 -1.64 21.22 -3.55
CA SER A 24 -1.46 20.74 -4.91
C SER A 24 -0.32 21.47 -5.61
N ARG A 25 0.43 20.70 -6.42
CA ARG A 25 1.49 21.20 -7.28
C ARG A 25 1.48 20.37 -8.55
N VAL A 26 0.77 20.88 -9.57
CA VAL A 26 0.60 20.20 -10.87
C VAL A 26 1.89 20.31 -11.68
N LEU A 27 2.59 19.19 -11.83
CA LEU A 27 3.86 19.15 -12.53
C LEU A 27 3.77 18.68 -13.95
N GLN A 28 4.26 19.50 -14.88
CA GLN A 28 4.45 19.12 -16.28
C GLN A 28 5.85 18.46 -16.28
N ALA A 29 6.20 17.77 -17.37
CA ALA A 29 7.45 17.03 -17.55
C ALA A 29 8.73 17.76 -17.09
N GLU A 30 9.00 18.97 -17.60
CA GLU A 30 10.21 19.73 -17.27
C GLU A 30 10.36 19.95 -15.74
N GLU A 31 9.30 20.47 -15.10
CA GLU A 31 9.30 20.74 -13.67
C GLU A 31 9.43 19.45 -12.87
N LEU A 32 8.81 18.35 -13.34
CA LEU A 32 8.88 17.05 -12.67
C LEU A 32 10.32 16.57 -12.57
N HIS A 33 11.06 16.63 -13.70
CA HIS A 33 12.46 16.23 -13.77
C HIS A 33 13.33 17.05 -12.80
N GLU A 34 13.11 18.38 -12.76
CA GLU A 34 13.84 19.30 -11.90
C GLU A 34 13.47 19.13 -10.42
N LYS A 35 12.18 18.98 -10.12
CA LYS A 35 11.64 18.80 -8.76
C LYS A 35 12.21 17.56 -8.08
N ALA A 36 12.31 16.42 -8.82
CA ALA A 36 12.87 15.16 -8.33
C ALA A 36 14.32 15.35 -7.85
N LEU A 37 15.05 16.30 -8.45
CA LEU A 37 16.45 16.60 -8.15
C LEU A 37 16.66 17.84 -7.26
N ASP A 38 15.58 18.36 -6.63
CA ASP A 38 15.68 19.53 -5.75
C ASP A 38 15.32 19.07 -4.31
N PRO A 39 16.27 18.44 -3.57
CA PRO A 39 15.93 17.93 -2.23
C PRO A 39 15.52 19.01 -1.22
N PHE A 40 16.04 20.24 -1.38
CA PHE A 40 15.70 21.36 -0.50
C PHE A 40 14.22 21.77 -0.67
N LEU A 41 13.73 21.90 -1.93
CA LEU A 41 12.31 22.20 -2.14
C LEU A 41 11.42 21.02 -1.75
N LEU A 42 11.86 19.78 -2.06
CA LEU A 42 11.13 18.56 -1.72
C LEU A 42 10.88 18.47 -0.22
N GLN A 43 11.91 18.75 0.62
CA GLN A 43 11.72 18.72 2.08
C GLN A 43 10.84 19.86 2.57
N ALA A 44 10.97 21.09 2.00
CA ALA A 44 10.12 22.22 2.38
C ALA A 44 8.64 21.89 2.13
N GLU A 45 8.34 21.36 0.95
CA GLU A 45 7.00 20.97 0.53
C GLU A 45 6.45 19.83 1.41
N PHE A 46 7.24 18.76 1.59
CA PHE A 46 6.88 17.57 2.36
C PHE A 46 6.50 17.88 3.80
N PHE A 47 7.35 18.66 4.51
CA PHE A 47 7.14 18.91 5.92
C PHE A 47 6.02 19.95 6.22
N GLU A 48 5.37 20.47 5.15
CA GLU A 48 4.20 21.33 5.22
C GLU A 48 2.93 20.45 5.21
N ILE A 49 3.06 19.19 4.78
CA ILE A 49 1.93 18.25 4.71
C ILE A 49 1.55 17.73 6.11
N PRO A 50 0.29 17.92 6.56
CA PRO A 50 -0.13 17.35 7.86
C PRO A 50 -0.03 15.83 7.85
N MET A 51 0.43 15.23 8.96
CA MET A 51 0.58 13.78 9.05
C MET A 51 -0.78 13.12 9.22
N ASN A 52 -1.74 13.81 9.88
CA ASN A 52 -3.11 13.32 10.14
C ASN A 52 -3.11 11.99 10.96
N PHE A 53 -2.17 11.89 11.91
CA PHE A 53 -2.11 10.73 12.80
C PHE A 53 -3.33 10.69 13.72
N VAL A 54 -3.68 9.50 14.19
CA VAL A 54 -4.81 9.22 15.07
C VAL A 54 -4.37 9.30 16.53
N ASP A 55 -5.14 10.01 17.37
CA ASP A 55 -4.88 10.07 18.82
C ASP A 55 -5.20 8.65 19.36
N PRO A 56 -4.24 7.96 20.04
CA PRO A 56 -4.54 6.60 20.55
C PRO A 56 -5.76 6.47 21.46
N LYS A 57 -6.18 7.59 22.11
CA LYS A 57 -7.36 7.63 22.98
C LYS A 57 -8.67 7.43 22.19
N GLU A 58 -8.60 7.49 20.84
CA GLU A 58 -9.75 7.26 19.96
C GLU A 58 -10.22 5.79 20.02
N TYR A 59 -9.29 4.89 20.38
CA TYR A 59 -9.61 3.47 20.56
C TYR A 59 -9.43 3.11 22.03
N ASP A 60 -10.53 2.67 22.66
CA ASP A 60 -10.54 2.25 24.06
C ASP A 60 -11.11 0.84 24.06
N ILE A 61 -10.28 -0.13 23.65
CA ILE A 61 -10.71 -1.52 23.51
C ILE A 61 -9.82 -2.50 24.27
N PRO A 62 -10.36 -3.30 25.23
CA PRO A 62 -9.55 -4.30 25.92
C PRO A 62 -8.97 -5.32 24.94
N GLY A 63 -7.67 -5.57 25.05
CA GLY A 63 -6.95 -6.49 24.16
C GLY A 63 -6.40 -5.85 22.90
N LEU A 64 -6.67 -4.55 22.68
CA LEU A 64 -6.21 -3.85 21.47
C LEU A 64 -4.69 -3.77 21.32
N VAL A 65 -3.96 -3.68 22.45
CA VAL A 65 -2.48 -3.58 22.47
C VAL A 65 -1.82 -4.69 21.60
N ARG A 66 -2.41 -5.89 21.60
CA ARG A 66 -1.94 -7.08 20.88
C ARG A 66 -2.15 -6.96 19.37
N LYS A 67 -3.06 -6.08 18.93
CA LYS A 67 -3.42 -5.92 17.51
C LYS A 67 -2.57 -4.89 16.75
N ASN A 68 -1.80 -4.06 17.47
CA ASN A 68 -0.98 -3.03 16.84
C ASN A 68 0.51 -3.23 17.02
N ARG A 69 1.27 -3.18 15.92
CA ARG A 69 2.73 -3.30 15.98
C ARG A 69 3.33 -1.98 16.53
N TYR A 70 2.69 -0.84 16.23
CA TYR A 70 3.14 0.49 16.66
C TYR A 70 1.99 1.27 17.30
N LYS A 71 2.16 1.66 18.57
CA LYS A 71 1.19 2.40 19.39
C LYS A 71 0.65 3.68 18.74
N THR A 72 1.50 4.44 18.03
CA THR A 72 1.14 5.73 17.40
C THR A 72 0.69 5.64 15.93
N ILE A 73 0.78 4.45 15.31
N ILE A 73 0.77 4.45 15.31
CA ILE A 73 0.37 4.23 13.92
CA ILE A 73 0.35 4.29 13.92
C ILE A 73 -0.95 3.46 13.98
C ILE A 73 -0.94 3.48 13.91
N LEU A 74 -2.07 4.20 13.97
CA LEU A 74 -3.41 3.62 14.06
C LEU A 74 -4.30 3.92 12.87
N PRO A 75 -5.34 3.11 12.63
CA PRO A 75 -6.22 3.39 11.48
C PRO A 75 -7.19 4.52 11.79
N ASN A 76 -7.28 5.50 10.88
CA ASN A 76 -8.22 6.62 11.01
C ASN A 76 -9.63 6.02 11.05
N PRO A 77 -10.42 6.31 12.11
CA PRO A 77 -11.74 5.66 12.27
C PRO A 77 -12.68 5.68 11.06
N HIS A 78 -12.77 6.82 10.34
CA HIS A 78 -13.70 7.00 9.22
C HIS A 78 -13.49 6.05 8.04
N SER A 79 -12.24 5.60 7.85
CA SER A 79 -11.86 4.77 6.70
C SER A 79 -11.31 3.40 7.10
N ARG A 80 -11.38 3.05 8.39
CA ARG A 80 -10.85 1.77 8.86
C ARG A 80 -11.62 0.58 8.33
N VAL A 81 -10.92 -0.53 8.07
CA VAL A 81 -11.53 -1.79 7.60
C VAL A 81 -12.13 -2.49 8.83
N CYS A 82 -13.46 -2.67 8.85
CA CYS A 82 -14.17 -3.34 9.95
C CYS A 82 -14.38 -4.80 9.60
N LEU A 83 -13.93 -5.71 10.48
CA LEU A 83 -14.11 -7.15 10.25
C LEU A 83 -15.52 -7.53 10.71
N THR A 84 -16.40 -7.75 9.72
CA THR A 84 -17.84 -8.02 9.92
C THR A 84 -18.18 -9.43 10.43
N SER A 85 -17.26 -10.40 10.31
CA SER A 85 -17.48 -11.78 10.73
C SER A 85 -16.40 -12.21 11.74
N PRO A 86 -16.73 -12.93 12.85
CA PRO A 86 -18.04 -13.48 13.25
C PRO A 86 -18.88 -12.64 14.21
N ASP A 87 -18.39 -11.43 14.59
CA ASP A 87 -19.12 -10.57 15.54
C ASP A 87 -18.91 -9.10 15.20
N PRO A 88 -19.77 -8.49 14.33
CA PRO A 88 -19.57 -7.08 13.98
C PRO A 88 -19.84 -6.12 15.14
N ASP A 89 -20.55 -6.59 16.17
CA ASP A 89 -20.89 -5.79 17.36
C ASP A 89 -19.79 -5.81 18.45
N ASP A 90 -18.74 -6.64 18.27
CA ASP A 90 -17.64 -6.66 19.23
C ASP A 90 -16.46 -5.84 18.71
N PRO A 91 -16.09 -4.74 19.40
CA PRO A 91 -14.98 -3.90 18.91
C PRO A 91 -13.65 -4.63 18.67
N LEU A 92 -13.23 -5.52 19.59
CA LEU A 92 -11.96 -6.26 19.42
C LEU A 92 -11.99 -7.20 18.19
N SER A 93 -13.04 -8.03 18.08
CA SER A 93 -13.22 -8.96 16.96
C SER A 93 -13.28 -8.24 15.59
N SER A 94 -13.84 -7.01 15.55
N SER A 94 -13.83 -7.01 15.57
CA SER A 94 -13.97 -6.25 14.31
CA SER A 94 -14.01 -6.21 14.35
C SER A 94 -12.73 -5.43 13.93
C SER A 94 -12.78 -5.37 13.98
N TYR A 95 -11.75 -5.35 14.85
CA TYR A 95 -10.55 -4.56 14.65
C TYR A 95 -9.41 -5.21 13.86
N ILE A 96 -8.86 -4.41 12.94
CA ILE A 96 -7.65 -4.65 12.16
C ILE A 96 -6.99 -3.30 11.87
N ASN A 97 -5.65 -3.23 11.98
CA ASN A 97 -4.94 -1.98 11.68
C ASN A 97 -4.84 -1.89 10.16
N ALA A 98 -5.91 -1.38 9.53
CA ALA A 98 -6.07 -1.28 8.08
C ALA A 98 -7.04 -0.18 7.71
N ASN A 99 -6.81 0.47 6.57
CA ASN A 99 -7.68 1.52 6.07
C ASN A 99 -7.95 1.36 4.60
N TYR A 100 -9.20 1.66 4.18
CA TYR A 100 -9.57 1.70 2.77
C TYR A 100 -8.88 2.94 2.21
N ILE A 101 -8.29 2.82 1.03
CA ILE A 101 -7.57 3.91 0.36
C ILE A 101 -8.20 4.20 -1.00
N ARG A 102 -8.57 5.46 -1.26
CA ARG A 102 -9.10 5.85 -2.55
C ARG A 102 -7.99 5.79 -3.59
N GLY A 103 -8.36 5.49 -4.82
CA GLY A 103 -7.43 5.43 -5.93
C GLY A 103 -7.50 6.69 -6.79
N TYR A 104 -7.00 6.58 -8.03
CA TYR A 104 -6.98 7.68 -8.98
C TYR A 104 -8.41 8.19 -9.25
N GLY A 105 -8.57 9.50 -9.24
CA GLY A 105 -9.85 10.17 -9.47
C GLY A 105 -10.84 10.00 -8.33
N GLY A 106 -10.32 9.62 -7.15
CA GLY A 106 -11.11 9.43 -5.94
C GLY A 106 -11.91 8.15 -5.86
N GLU A 107 -11.70 7.20 -6.80
CA GLU A 107 -12.41 5.93 -6.79
C GLU A 107 -12.28 5.25 -5.42
N GLU A 108 -13.42 4.90 -4.81
CA GLU A 108 -13.42 4.31 -3.47
C GLU A 108 -12.81 2.92 -3.42
N LYS A 109 -12.13 2.60 -2.29
CA LYS A 109 -11.59 1.28 -1.95
C LYS A 109 -10.72 0.60 -3.02
N VAL A 110 -9.86 1.36 -3.71
CA VAL A 110 -8.97 0.77 -4.71
C VAL A 110 -7.91 -0.08 -3.99
N TYR A 111 -7.46 0.39 -2.81
CA TYR A 111 -6.45 -0.28 -2.00
C TYR A 111 -6.90 -0.39 -0.56
N ILE A 112 -6.20 -1.24 0.19
CA ILE A 112 -6.26 -1.35 1.63
C ILE A 112 -4.80 -1.27 2.08
N ALA A 113 -4.48 -0.24 2.87
CA ALA A 113 -3.14 -0.08 3.44
C ALA A 113 -3.23 -0.65 4.84
N THR A 114 -2.36 -1.60 5.16
CA THR A 114 -2.39 -2.30 6.44
C THR A 114 -0.99 -2.54 6.95
N GLN A 115 -0.86 -2.76 8.25
CA GLN A 115 0.44 -3.08 8.82
C GLN A 115 0.79 -4.53 8.42
N GLY A 116 2.07 -4.86 8.44
CA GLY A 116 2.50 -6.23 8.19
C GLY A 116 1.96 -7.12 9.29
N PRO A 117 1.29 -8.25 8.98
CA PRO A 117 0.73 -9.08 10.07
C PRO A 117 1.75 -9.51 11.12
N ILE A 118 1.32 -9.50 12.38
CA ILE A 118 2.13 -9.97 13.51
C ILE A 118 1.53 -11.31 13.94
N VAL A 119 2.22 -12.07 14.80
CA VAL A 119 1.76 -13.39 15.28
C VAL A 119 0.29 -13.38 15.72
N SER A 120 -0.10 -12.33 16.46
CA SER A 120 -1.46 -12.17 16.97
C SER A 120 -2.49 -11.66 15.96
N THR A 121 -2.06 -11.27 14.72
CA THR A 121 -3.01 -10.76 13.71
C THR A 121 -3.01 -11.53 12.36
N VAL A 122 -2.25 -12.64 12.26
CA VAL A 122 -2.19 -13.46 11.03
C VAL A 122 -3.62 -13.90 10.62
N ALA A 123 -4.37 -14.49 11.57
CA ALA A 123 -5.75 -14.96 11.32
C ALA A 123 -6.65 -13.78 10.94
N ASP A 124 -6.51 -12.61 11.62
CA ASP A 124 -7.28 -11.40 11.31
C ASP A 124 -7.02 -10.92 9.88
N PHE A 125 -5.76 -10.98 9.44
CA PHE A 125 -5.35 -10.56 8.09
C PHE A 125 -6.10 -11.40 7.04
N TRP A 126 -6.13 -12.74 7.22
CA TRP A 126 -6.81 -13.65 6.32
C TRP A 126 -8.34 -13.47 6.36
N ARG A 127 -8.89 -13.06 7.53
CA ARG A 127 -10.32 -12.73 7.65
C ARG A 127 -10.63 -11.52 6.75
N MET A 128 -9.71 -10.52 6.73
CA MET A 128 -9.83 -9.32 5.90
C MET A 128 -9.74 -9.69 4.41
N VAL A 129 -8.72 -10.50 4.01
CA VAL A 129 -8.53 -10.96 2.63
C VAL A 129 -9.84 -11.59 2.11
N TRP A 130 -10.41 -12.53 2.90
CA TRP A 130 -11.64 -13.22 2.55
C TRP A 130 -12.83 -12.27 2.46
N GLN A 131 -13.08 -11.46 3.52
CA GLN A 131 -14.19 -10.50 3.55
C GLN A 131 -14.19 -9.55 2.34
N GLU A 132 -13.02 -9.04 2.00
CA GLU A 132 -12.85 -8.02 0.96
C GLU A 132 -12.74 -8.55 -0.46
N HIS A 133 -12.67 -9.90 -0.63
CA HIS A 133 -12.48 -10.56 -1.94
C HIS A 133 -11.17 -10.04 -2.58
N THR A 134 -10.17 -9.71 -1.74
CA THR A 134 -8.89 -9.18 -2.21
C THR A 134 -8.23 -10.10 -3.26
N PRO A 135 -7.99 -9.59 -4.49
CA PRO A 135 -7.36 -10.43 -5.52
C PRO A 135 -5.85 -10.35 -5.56
N ILE A 136 -5.26 -9.26 -5.00
CA ILE A 136 -3.83 -8.99 -5.05
C ILE A 136 -3.34 -8.47 -3.72
N ILE A 137 -2.16 -8.96 -3.27
CA ILE A 137 -1.45 -8.48 -2.09
C ILE A 137 -0.06 -8.03 -2.58
N VAL A 138 0.34 -6.80 -2.22
CA VAL A 138 1.65 -6.23 -2.53
C VAL A 138 2.41 -6.08 -1.18
N MET A 139 3.49 -6.84 -1.01
CA MET A 139 4.32 -6.85 0.19
C MET A 139 5.69 -6.25 -0.19
N ILE A 140 6.07 -5.12 0.42
CA ILE A 140 7.29 -4.41 0.05
C ILE A 140 8.44 -4.61 1.05
N THR A 141 9.55 -5.26 0.63
CA THR A 141 10.73 -5.50 1.48
C THR A 141 12.05 -5.34 0.69
N ASN A 142 13.19 -5.48 1.40
CA ASN A 142 14.56 -5.46 0.87
C ASN A 142 15.17 -6.85 1.18
N ILE A 143 16.21 -7.28 0.41
CA ILE A 143 16.89 -8.57 0.62
C ILE A 143 17.60 -8.61 1.99
N GLU A 144 18.30 -7.52 2.35
CA GLU A 144 19.03 -7.33 3.62
C GLU A 144 18.13 -7.52 4.85
N GLU A 145 16.85 -7.13 4.72
CA GLU A 145 15.82 -7.21 5.74
C GLU A 145 15.35 -8.65 5.96
N MET A 146 15.25 -9.44 4.85
CA MET A 146 14.75 -10.81 4.77
C MET A 146 13.25 -10.80 5.14
N ASN A 147 12.90 -11.17 6.38
CA ASN A 147 11.52 -11.15 6.89
C ASN A 147 11.50 -10.91 8.40
N GLU A 148 12.34 -9.95 8.85
CA GLU A 148 12.48 -9.55 10.25
C GLU A 148 11.51 -8.41 10.59
N LYS A 149 10.93 -7.77 9.54
CA LYS A 149 9.97 -6.67 9.64
C LYS A 149 8.50 -7.14 9.54
N CYS A 150 8.28 -8.33 8.96
CA CYS A 150 6.95 -8.93 8.78
C CYS A 150 6.94 -10.44 9.08
N THR A 151 5.91 -10.92 9.79
CA THR A 151 5.74 -12.34 10.12
C THR A 151 5.25 -13.07 8.87
N GLU A 152 5.79 -14.28 8.61
CA GLU A 152 5.42 -15.10 7.45
C GLU A 152 3.98 -15.62 7.67
N TYR A 153 3.01 -14.89 7.10
CA TYR A 153 1.57 -15.16 7.25
C TYR A 153 1.00 -16.18 6.25
N TRP A 154 1.71 -16.42 5.12
CA TRP A 154 1.28 -17.40 4.11
C TRP A 154 1.92 -18.77 4.43
N PRO A 155 1.31 -19.91 4.03
CA PRO A 155 1.94 -21.21 4.34
C PRO A 155 3.05 -21.58 3.36
N GLU A 156 3.77 -22.68 3.68
CA GLU A 156 4.80 -23.25 2.81
C GLU A 156 4.07 -23.94 1.65
N GLU A 157 2.87 -24.49 1.95
CA GLU A 157 1.98 -25.17 1.01
C GLU A 157 0.51 -24.93 1.35
N GLN A 158 0.06 -25.34 2.56
CA GLN A 158 -1.34 -25.20 2.98
C GLN A 158 -1.52 -24.91 4.47
N VAL A 159 -2.45 -23.98 4.79
CA VAL A 159 -2.86 -23.59 6.15
C VAL A 159 -4.33 -23.11 6.14
N ALA A 160 -5.08 -23.44 7.20
CA ALA A 160 -6.48 -23.05 7.32
C ALA A 160 -6.72 -22.11 8.50
N TYR A 161 -7.41 -21.00 8.23
CA TYR A 161 -7.77 -19.99 9.23
C TYR A 161 -9.26 -19.70 9.12
N ASP A 162 -10.01 -19.97 10.21
CA ASP A 162 -11.45 -19.74 10.36
C ASP A 162 -12.31 -20.26 9.18
N GLY A 163 -12.05 -21.50 8.79
CA GLY A 163 -12.77 -22.17 7.71
C GLY A 163 -12.27 -21.87 6.31
N VAL A 164 -11.29 -20.95 6.18
CA VAL A 164 -10.71 -20.57 4.89
C VAL A 164 -9.33 -21.22 4.70
N GLU A 165 -9.25 -22.14 3.71
CA GLU A 165 -8.06 -22.90 3.35
C GLU A 165 -7.21 -22.08 2.35
N ILE A 166 -5.99 -21.72 2.78
CA ILE A 166 -5.03 -20.94 1.98
C ILE A 166 -3.99 -21.92 1.40
N THR A 167 -3.96 -22.08 0.08
CA THR A 167 -3.04 -22.98 -0.60
C THR A 167 -2.13 -22.25 -1.60
N VAL A 168 -0.81 -22.40 -1.45
CA VAL A 168 0.17 -21.80 -2.35
C VAL A 168 0.28 -22.79 -3.53
N GLN A 169 -0.29 -22.41 -4.67
CA GLN A 169 -0.34 -23.24 -5.88
C GLN A 169 0.95 -23.18 -6.69
N LYS A 170 1.56 -21.97 -6.80
CA LYS A 170 2.78 -21.74 -7.59
C LYS A 170 3.62 -20.58 -7.05
N VAL A 171 4.95 -20.70 -7.15
CA VAL A 171 5.90 -19.66 -6.74
C VAL A 171 6.70 -19.28 -7.99
N ILE A 172 6.50 -18.05 -8.49
CA ILE A 172 7.20 -17.52 -9.67
C ILE A 172 8.30 -16.58 -9.19
N HIS A 173 9.57 -16.90 -9.51
CA HIS A 173 10.72 -16.11 -9.08
C HIS A 173 11.20 -15.18 -10.19
N THR A 174 11.11 -13.86 -9.95
CA THR A 174 11.60 -12.84 -10.89
C THR A 174 12.73 -12.04 -10.21
N GLU A 175 13.43 -11.21 -10.99
CA GLU A 175 14.57 -10.40 -10.54
C GLU A 175 14.24 -9.50 -9.32
N ASP A 176 13.05 -8.90 -9.29
CA ASP A 176 12.70 -7.97 -8.20
C ASP A 176 11.47 -8.36 -7.35
N TYR A 177 10.80 -9.50 -7.66
CA TYR A 177 9.66 -9.97 -6.88
C TYR A 177 9.44 -11.49 -6.99
N ARG A 178 8.81 -12.05 -5.95
CA ARG A 178 8.38 -13.44 -5.90
C ARG A 178 6.86 -13.38 -5.98
N LEU A 179 6.27 -13.96 -7.04
CA LEU A 179 4.82 -13.97 -7.20
C LEU A 179 4.26 -15.33 -6.80
N ARG A 180 3.40 -15.33 -5.77
CA ARG A 180 2.74 -16.55 -5.31
C ARG A 180 1.30 -16.58 -5.77
N LEU A 181 0.92 -17.64 -6.50
CA LEU A 181 -0.45 -17.84 -6.96
C LEU A 181 -1.10 -18.66 -5.87
N ILE A 182 -2.07 -18.06 -5.18
CA ILE A 182 -2.74 -18.67 -4.03
C ILE A 182 -4.22 -18.95 -4.28
N SER A 183 -4.71 -20.06 -3.72
N SER A 183 -4.72 -20.07 -3.73
CA SER A 183 -6.11 -20.44 -3.79
CA SER A 183 -6.14 -20.45 -3.82
C SER A 183 -6.70 -20.30 -2.38
C SER A 183 -6.75 -20.39 -2.42
N LEU A 184 -7.91 -19.72 -2.29
CA LEU A 184 -8.62 -19.56 -1.02
C LEU A 184 -9.91 -20.35 -1.14
N LYS A 185 -10.12 -21.31 -0.25
CA LYS A 185 -11.30 -22.19 -0.30
C LYS A 185 -12.06 -22.21 1.02
N SER A 186 -13.40 -22.12 0.94
CA SER A 186 -14.32 -22.17 2.08
C SER A 186 -15.68 -22.67 1.57
N GLY A 187 -16.00 -23.92 1.91
CA GLY A 187 -17.23 -24.59 1.49
C GLY A 187 -17.23 -24.82 -0.01
N THR A 188 -18.21 -24.22 -0.70
CA THR A 188 -18.34 -24.33 -2.17
C THR A 188 -17.65 -23.15 -2.87
N GLU A 189 -17.12 -22.19 -2.09
CA GLU A 189 -16.43 -20.99 -2.59
C GLU A 189 -14.93 -21.18 -2.73
N GLU A 190 -14.41 -20.91 -3.94
CA GLU A 190 -12.98 -20.94 -4.24
C GLU A 190 -12.62 -19.65 -4.95
N ARG A 191 -11.53 -19.01 -4.50
CA ARG A 191 -11.06 -17.73 -5.05
C ARG A 191 -9.58 -17.73 -5.29
N GLY A 192 -9.16 -16.99 -6.31
CA GLY A 192 -7.75 -16.84 -6.63
C GLY A 192 -7.16 -15.63 -5.94
N LEU A 193 -5.84 -15.64 -5.74
CA LEU A 193 -5.11 -14.54 -5.12
C LEU A 193 -3.68 -14.50 -5.65
N LYS A 194 -3.19 -13.29 -5.94
CA LYS A 194 -1.82 -13.06 -6.41
C LYS A 194 -1.08 -12.30 -5.31
N HIS A 195 0.00 -12.90 -4.79
CA HIS A 195 0.79 -12.32 -3.72
C HIS A 195 2.16 -11.93 -4.28
N TYR A 196 2.38 -10.63 -4.42
CA TYR A 196 3.63 -10.07 -4.94
C TYR A 196 4.53 -9.68 -3.77
N TRP A 197 5.63 -10.42 -3.58
CA TRP A 197 6.61 -10.14 -2.53
C TRP A 197 7.79 -9.44 -3.19
N PHE A 198 7.75 -8.09 -3.18
CA PHE A 198 8.78 -7.23 -3.74
C PHE A 198 10.00 -7.28 -2.82
N THR A 199 11.18 -7.56 -3.38
CA THR A 199 12.43 -7.68 -2.63
C THR A 199 13.50 -6.62 -2.99
N SER A 200 13.13 -5.60 -3.80
CA SER A 200 14.11 -4.60 -4.24
C SER A 200 13.88 -3.18 -3.68
N TRP A 201 13.35 -3.07 -2.44
CA TRP A 201 13.17 -1.76 -1.81
C TRP A 201 14.58 -1.29 -1.40
N PRO A 202 15.01 -0.08 -1.81
CA PRO A 202 16.41 0.30 -1.53
C PRO A 202 16.69 0.99 -0.20
N ASP A 203 17.93 0.86 0.29
N ASP A 203 17.93 0.85 0.30
CA ASP A 203 18.39 1.50 1.52
CA ASP A 203 18.39 1.50 1.52
C ASP A 203 18.53 3.00 1.26
C ASP A 203 18.48 3.01 1.22
N GLN A 204 19.19 3.36 0.14
CA GLN A 204 19.37 4.73 -0.31
C GLN A 204 18.46 4.86 -1.53
N LYS A 205 17.48 5.77 -1.44
CA LYS A 205 16.45 6.01 -2.45
C LYS A 205 16.96 6.89 -3.59
N THR A 206 18.05 6.46 -4.21
CA THR A 206 18.70 7.14 -5.32
C THR A 206 17.96 6.84 -6.64
N PRO A 207 18.00 7.74 -7.66
CA PRO A 207 17.27 7.47 -8.92
C PRO A 207 17.63 6.18 -9.64
N ASP A 208 18.87 5.65 -9.48
CA ASP A 208 19.26 4.38 -10.10
C ASP A 208 18.50 3.18 -9.48
N ARG A 209 17.85 3.38 -8.33
CA ARG A 209 17.08 2.35 -7.64
C ARG A 209 15.57 2.43 -7.96
N ALA A 210 15.19 3.43 -8.78
CA ALA A 210 13.78 3.63 -9.19
C ALA A 210 13.21 2.57 -10.16
N PRO A 211 13.95 2.02 -11.19
CA PRO A 211 13.33 1.06 -12.13
C PRO A 211 12.62 -0.16 -11.52
N PRO A 212 13.14 -0.93 -10.51
CA PRO A 212 12.36 -2.06 -9.99
C PRO A 212 11.00 -1.71 -9.36
N LEU A 213 10.90 -0.56 -8.64
CA LEU A 213 9.62 -0.16 -8.07
C LEU A 213 8.63 0.16 -9.20
N LEU A 214 9.10 0.90 -10.22
CA LEU A 214 8.27 1.25 -11.38
C LEU A 214 7.71 -0.01 -12.06
N HIS A 215 8.58 -1.03 -12.30
N HIS A 215 8.58 -1.02 -12.29
CA HIS A 215 8.19 -2.30 -12.93
CA HIS A 215 8.22 -2.31 -12.90
C HIS A 215 7.13 -3.04 -12.09
C HIS A 215 7.14 -3.02 -12.09
N LEU A 216 7.26 -2.99 -10.75
CA LEU A 216 6.30 -3.63 -9.82
C LEU A 216 4.94 -2.94 -9.94
N VAL A 217 4.93 -1.58 -9.88
CA VAL A 217 3.74 -0.74 -10.02
C VAL A 217 3.02 -1.09 -11.35
N ARG A 218 3.78 -1.11 -12.47
CA ARG A 218 3.23 -1.42 -13.79
C ARG A 218 2.67 -2.84 -13.89
N GLU A 219 3.34 -3.82 -13.27
N GLU A 219 3.34 -3.83 -13.27
CA GLU A 219 2.92 -5.23 -13.23
CA GLU A 219 2.90 -5.22 -13.23
C GLU A 219 1.60 -5.37 -12.44
C GLU A 219 1.59 -5.36 -12.44
N VAL A 220 1.49 -4.66 -11.30
CA VAL A 220 0.30 -4.68 -10.43
C VAL A 220 -0.88 -3.99 -11.13
N GLU A 221 -0.63 -2.87 -11.86
CA GLU A 221 -1.66 -2.15 -12.63
C GLU A 221 -2.29 -3.08 -13.66
N GLU A 222 -1.43 -3.85 -14.38
CA GLU A 222 -1.81 -4.82 -15.41
C GLU A 222 -2.66 -5.93 -14.79
N ALA A 223 -2.20 -6.51 -13.65
CA ALA A 223 -2.92 -7.54 -12.90
C ALA A 223 -4.29 -7.02 -12.42
N ALA A 224 -4.34 -5.77 -11.91
CA ALA A 224 -5.55 -5.11 -11.40
C ALA A 224 -6.58 -4.92 -12.52
N GLN A 225 -6.13 -4.45 -13.69
CA GLN A 225 -7.00 -4.25 -14.87
C GLN A 225 -7.58 -5.59 -15.33
N GLN A 226 -6.77 -6.67 -15.32
CA GLN A 226 -7.19 -8.03 -15.70
C GLN A 226 -8.28 -8.64 -14.80
N GLU A 227 -8.53 -8.05 -13.60
CA GLU A 227 -9.58 -8.54 -12.70
C GLU A 227 -10.98 -8.16 -13.23
N GLY A 228 -11.01 -7.28 -14.22
CA GLY A 228 -12.25 -6.83 -14.83
C GLY A 228 -12.98 -5.77 -14.05
N PRO A 229 -14.26 -5.50 -14.37
CA PRO A 229 -15.00 -4.44 -13.67
C PRO A 229 -15.06 -4.52 -12.15
N HIS A 230 -14.95 -3.34 -11.54
CA HIS A 230 -15.01 -3.09 -10.10
C HIS A 230 -14.14 -4.08 -9.31
N CYS A 231 -12.83 -4.04 -9.60
CA CYS A 231 -11.83 -4.87 -8.96
C CYS A 231 -11.90 -4.64 -7.46
N ALA A 232 -11.89 -5.73 -6.67
CA ALA A 232 -11.94 -5.67 -5.21
C ALA A 232 -10.66 -4.99 -4.64
N PRO A 233 -10.65 -4.51 -3.38
CA PRO A 233 -9.45 -3.82 -2.87
C PRO A 233 -8.14 -4.61 -2.91
N ILE A 234 -7.06 -3.93 -3.31
CA ILE A 234 -5.71 -4.49 -3.38
C ILE A 234 -5.02 -4.18 -2.05
N ILE A 235 -4.54 -5.21 -1.36
CA ILE A 235 -3.88 -5.03 -0.06
C ILE A 235 -2.40 -4.67 -0.27
N VAL A 236 -1.95 -3.56 0.35
CA VAL A 236 -0.54 -3.13 0.29
C VAL A 236 0.00 -3.04 1.73
N HIS A 237 1.22 -3.58 1.97
CA HIS A 237 1.82 -3.54 3.30
C HIS A 237 3.34 -3.71 3.34
N CYS A 238 3.92 -2.99 4.31
N CYS A 238 3.92 -3.49 4.54
CA CYS A 238 5.33 -2.97 4.66
CA CYS A 238 5.31 -3.84 4.89
C CYS A 238 5.35 -3.44 6.13
C CYS A 238 5.40 -4.10 6.38
N SER A 239 5.80 -2.61 7.08
N SER A 239 5.58 -3.03 7.17
CA SER A 239 5.77 -2.97 8.48
CA SER A 239 5.68 -3.09 8.63
C SER A 239 4.61 -2.23 9.16
C SER A 239 4.59 -2.23 9.27
N ALA A 240 4.65 -0.89 9.14
CA ALA A 240 3.64 0.00 9.73
C ALA A 240 2.45 0.22 8.81
N GLY A 241 2.63 -0.08 7.52
CA GLY A 241 1.60 0.10 6.50
C GLY A 241 1.38 1.54 6.09
N ILE A 242 2.44 2.39 6.16
CA ILE A 242 2.33 3.82 5.79
C ILE A 242 3.45 4.33 4.88
N GLY A 243 4.71 3.96 5.14
CA GLY A 243 5.87 4.47 4.42
C GLY A 243 6.03 3.99 2.98
N ARG A 244 6.58 2.78 2.85
CA ARG A 244 6.78 2.11 1.55
C ARG A 244 5.43 1.90 0.90
N THR A 245 4.41 1.56 1.72
CA THR A 245 3.01 1.36 1.32
C THR A 245 2.52 2.64 0.64
N GLY A 246 2.77 3.80 1.28
CA GLY A 246 2.43 5.11 0.76
C GLY A 246 3.11 5.41 -0.58
N CYS A 247 4.42 5.04 -0.70
CA CYS A 247 5.17 5.24 -1.95
C CYS A 247 4.58 4.46 -3.09
N PHE A 248 4.34 3.16 -2.86
CA PHE A 248 3.78 2.28 -3.87
C PHE A 248 2.43 2.80 -4.38
N ILE A 249 1.51 3.11 -3.45
CA ILE A 249 0.17 3.58 -3.82
C ILE A 249 0.22 4.94 -4.54
N ALA A 250 1.01 5.91 -4.01
CA ALA A 250 1.15 7.23 -4.65
C ALA A 250 1.69 7.06 -6.06
N THR A 251 2.71 6.20 -6.24
CA THR A 251 3.28 5.92 -7.55
C THR A 251 2.21 5.37 -8.50
N SER A 252 1.43 4.36 -8.04
N SER A 252 1.44 4.35 -8.06
CA SER A 252 0.36 3.72 -8.79
CA SER A 252 0.39 3.74 -8.89
C SER A 252 -0.69 4.71 -9.29
C SER A 252 -0.68 4.75 -9.33
N ILE A 253 -1.11 5.64 -8.41
CA ILE A 253 -2.09 6.69 -8.73
C ILE A 253 -1.49 7.70 -9.74
N CYS A 254 -0.24 8.13 -9.51
CA CYS A 254 0.40 9.12 -10.39
C CYS A 254 0.70 8.60 -11.79
N CYS A 255 0.95 7.29 -11.94
CA CYS A 255 1.18 6.66 -13.25
C CYS A 255 -0.09 6.81 -14.11
N GLN A 256 -1.26 6.58 -13.48
CA GLN A 256 -2.57 6.73 -14.11
C GLN A 256 -2.79 8.21 -14.45
N GLN A 257 -2.49 9.13 -13.50
CA GLN A 257 -2.63 10.56 -13.74
C GLN A 257 -1.76 11.00 -14.91
N LEU A 258 -0.52 10.51 -14.99
CA LEU A 258 0.36 10.88 -16.09
C LEU A 258 -0.18 10.40 -17.45
N ARG A 259 -0.64 9.14 -17.53
CA ARG A 259 -1.19 8.61 -18.78
C ARG A 259 -2.45 9.35 -19.24
N GLN A 260 -3.34 9.68 -18.30
CA GLN A 260 -4.61 10.33 -18.60
C GLN A 260 -4.53 11.85 -18.78
N GLU A 261 -3.83 12.54 -17.87
CA GLU A 261 -3.77 14.01 -17.83
C GLU A 261 -2.50 14.65 -18.39
N GLY A 262 -1.43 13.87 -18.54
CA GLY A 262 -0.14 14.36 -19.03
C GLY A 262 0.62 15.19 -18.01
N VAL A 263 0.22 15.09 -16.72
CA VAL A 263 0.80 15.79 -15.57
C VAL A 263 0.83 14.86 -14.36
N VAL A 264 1.59 15.23 -13.33
N VAL A 264 1.60 15.24 -13.33
CA VAL A 264 1.61 14.49 -12.08
CA VAL A 264 1.76 14.47 -12.09
C VAL A 264 1.44 15.49 -10.94
C VAL A 264 1.57 15.44 -10.89
N ASP A 265 0.68 15.10 -9.94
CA ASP A 265 0.45 15.91 -8.74
C ASP A 265 0.69 15.02 -7.53
N ILE A 266 2.00 14.82 -7.22
CA ILE A 266 2.41 14.00 -6.08
C ILE A 266 1.95 14.65 -4.78
N LEU A 267 2.03 16.00 -4.68
CA LEU A 267 1.62 16.73 -3.49
C LEU A 267 0.14 16.47 -3.18
N LYS A 268 -0.76 16.64 -4.17
CA LYS A 268 -2.20 16.38 -3.96
C LYS A 268 -2.46 14.90 -3.67
N THR A 269 -1.76 13.99 -4.39
CA THR A 269 -1.90 12.54 -4.18
C THR A 269 -1.54 12.19 -2.72
N THR A 270 -0.42 12.73 -2.22
CA THR A 270 0.03 12.51 -0.84
C THR A 270 -1.02 13.00 0.18
N CYS A 271 -1.57 14.21 -0.04
CA CYS A 271 -2.63 14.75 0.82
C CYS A 271 -3.85 13.82 0.85
N GLN A 272 -4.30 13.36 -0.33
CA GLN A 272 -5.44 12.42 -0.48
C GLN A 272 -5.19 11.12 0.34
N LEU A 273 -3.96 10.57 0.27
CA LEU A 273 -3.54 9.39 1.02
C LEU A 273 -3.60 9.60 2.53
N ARG A 274 -3.08 10.75 3.00
CA ARG A 274 -3.07 11.15 4.42
C ARG A 274 -4.48 11.34 4.97
N GLN A 275 -5.44 11.77 4.13
CA GLN A 275 -6.85 11.91 4.53
C GLN A 275 -7.40 10.51 4.87
N ASP A 276 -6.98 9.47 4.11
CA ASP A 276 -7.43 8.08 4.27
C ASP A 276 -6.69 7.35 5.40
N ARG A 277 -5.38 7.57 5.54
CA ARG A 277 -4.58 6.91 6.58
C ARG A 277 -3.44 7.85 6.99
N GLY A 278 -3.41 8.22 8.27
CA GLY A 278 -2.37 9.11 8.78
C GLY A 278 -0.97 8.60 8.57
N GLY A 279 -0.09 9.46 8.08
CA GLY A 279 1.33 9.19 7.86
C GLY A 279 1.78 8.59 6.54
N MET A 280 0.85 8.39 5.57
CA MET A 280 1.16 7.79 4.25
C MET A 280 2.31 8.57 3.59
N ILE A 281 3.44 7.87 3.28
CA ILE A 281 4.76 8.40 2.85
C ILE A 281 5.28 9.06 4.15
N GLN A 282 6.09 8.32 4.91
N GLN A 282 6.08 8.32 4.92
CA GLN A 282 6.58 8.74 6.22
CA GLN A 282 6.59 8.77 6.21
C GLN A 282 7.85 9.62 6.22
C GLN A 282 7.80 9.70 6.15
N THR A 283 8.76 9.42 5.26
CA THR A 283 10.01 10.20 5.17
C THR A 283 10.11 11.05 3.90
N CYS A 284 10.99 12.08 3.92
N CYS A 284 11.01 12.08 3.93
CA CYS A 284 11.19 12.91 2.75
CA CYS A 284 11.26 12.96 2.79
C CYS A 284 11.98 12.13 1.68
C CYS A 284 12.07 12.23 1.71
N GLU A 285 12.81 11.15 2.11
CA GLU A 285 13.58 10.29 1.20
C GLU A 285 12.59 9.49 0.36
N GLN A 286 11.50 8.98 1.01
CA GLN A 286 10.41 8.26 0.35
C GLN A 286 9.65 9.19 -0.61
N TYR A 287 9.41 10.45 -0.18
CA TYR A 287 8.73 11.47 -0.99
C TYR A 287 9.52 11.79 -2.25
N GLN A 288 10.84 12.03 -2.10
CA GLN A 288 11.75 12.30 -3.21
C GLN A 288 11.80 11.07 -4.15
N PHE A 289 11.80 9.85 -3.58
CA PHE A 289 11.83 8.60 -4.36
C PHE A 289 10.63 8.49 -5.31
N VAL A 290 9.41 8.91 -4.84
CA VAL A 290 8.20 8.91 -5.67
C VAL A 290 8.45 9.84 -6.87
N HIS A 291 9.09 11.00 -6.64
CA HIS A 291 9.44 11.93 -7.71
C HIS A 291 10.45 11.33 -8.69
N HIS A 292 11.46 10.57 -8.19
CA HIS A 292 12.45 9.90 -9.04
C HIS A 292 11.77 8.86 -9.92
N VAL A 293 10.84 8.07 -9.34
CA VAL A 293 10.10 7.04 -10.05
C VAL A 293 9.21 7.68 -11.13
N MET A 294 8.46 8.75 -10.77
CA MET A 294 7.58 9.45 -11.72
C MET A 294 8.35 10.14 -12.85
N SER A 295 9.52 10.75 -12.53
CA SER A 295 10.39 11.37 -13.53
C SER A 295 10.85 10.31 -14.56
N LEU A 296 11.24 9.12 -14.08
CA LEU A 296 11.66 8.01 -14.94
C LEU A 296 10.51 7.55 -15.85
N TYR A 297 9.32 7.34 -15.27
CA TYR A 297 8.13 6.91 -16.03
C TYR A 297 7.77 7.88 -17.13
N GLU A 298 7.83 9.20 -16.85
CA GLU A 298 7.57 10.24 -17.86
C GLU A 298 8.55 10.09 -19.03
N LYS A 299 9.83 9.84 -18.73
CA LYS A 299 10.85 9.64 -19.76
C LYS A 299 10.54 8.39 -20.61
N GLN A 300 10.12 7.30 -19.97
CA GLN A 300 9.80 6.06 -20.69
C GLN A 300 8.56 6.23 -21.59
N LEU A 301 7.51 6.89 -21.05
N LEU A 301 7.51 6.89 -21.05
CA LEU A 301 6.24 7.14 -21.75
CA LEU A 301 6.26 7.18 -21.74
C LEU A 301 6.40 8.13 -22.92
C LEU A 301 6.42 8.13 -22.92
N SER A 302 7.43 9.02 -22.87
CA SER A 302 7.70 10.01 -23.92
C SER A 302 8.09 9.39 -25.27
N HIS A 303 8.56 8.12 -25.26
CA HIS A 303 9.00 7.38 -26.46
C HIS A 303 7.89 6.69 -27.26
N GLN A 304 6.73 6.36 -26.62
CA GLN A 304 5.62 5.70 -27.34
C GLN A 304 4.84 6.65 -28.25
S SO4 B . 12.55 2.87 4.44
O1 SO4 B . 12.93 3.95 5.35
O2 SO4 B . 11.58 1.98 5.09
O3 SO4 B . 13.73 2.09 4.10
O4 SO4 B . 11.95 3.45 3.26
C4 FWB C . -4.00 -0.11 -9.16
C5 FWB C . -6.87 -0.28 -11.65
C6 FWB C . -4.93 0.63 -12.75
C10 FWB C . -6.25 0.20 -12.80
C13 FWB C . -9.39 0.29 -11.49
C1 FWB C . -4.80 0.02 -10.42
C11 FWB C . -8.30 -0.76 -11.69
C14 FWB C . -9.44 1.35 -12.57
C2 FWB C . -6.13 -0.38 -10.47
C3 FWB C . -4.21 0.54 -11.57
F7 FWB C . -3.15 0.89 -8.99
F8 FWB C . -4.76 -0.15 -8.07
F9 FWB C . -3.27 -1.22 -9.13
N15 FWB C . -9.21 0.95 -10.16
O12 FWB C . -4.33 1.13 -13.87
#